data_6U72
#
_entry.id   6U72
#
_cell.length_a   58.213
_cell.length_b   49.048
_cell.length_c   59.146
_cell.angle_alpha   90.000
_cell.angle_beta   103.874
_cell.angle_gamma   90.000
#
_symmetry.space_group_name_H-M   'P 1 21 1'
#
loop_
_entity.id
_entity.type
_entity.pdbx_description
1 polymer 'Bromodomain-containing protein 4'
2 polymer 3.1_2_AcK5toA
3 non-polymer 'AMINO GROUP'
4 water water
#
loop_
_entity_poly.entity_id
_entity_poly.type
_entity_poly.pdbx_seq_one_letter_code
_entity_poly.pdbx_strand_id
1 'polypeptide(L)'
;QGPLGSSTNPPPPETSNPNKPKRQTNQLQYLLRVVLKTLWKHQFAWPFQQPVDAVKLNLPDYYKIIKTPMDMGTIKKRLE
NNYYWNAQECIQDFNTMFTNCYIYNKPGDDIVLMAEALEKLFLQKINELPTEEPEFPGRLERPHRD
;
A,B
2 'polypeptide(L)' (ACE)WKTIAG(ALY)TWRT(ALY)QC C
#
# COMPACT_ATOMS: atom_id res chain seq x y z
N SER A 7 15.86 3.70 -23.82
CA SER A 7 14.55 3.49 -24.40
C SER A 7 13.83 2.31 -23.75
N THR A 8 14.60 1.35 -23.23
CA THR A 8 14.05 0.16 -22.61
C THR A 8 14.59 -0.01 -21.19
N ASN A 9 13.78 -0.64 -20.33
CA ASN A 9 14.21 -0.93 -18.97
C ASN A 9 14.93 -2.27 -18.91
N PRO A 10 16.02 -2.38 -18.15
CA PRO A 10 16.71 -3.66 -18.02
C PRO A 10 15.89 -4.64 -17.22
N PRO A 11 16.20 -5.93 -17.28
CA PRO A 11 15.52 -6.90 -16.43
C PRO A 11 15.72 -6.55 -14.97
N PRO A 12 14.73 -6.84 -14.11
CA PRO A 12 14.84 -6.49 -12.70
C PRO A 12 15.88 -7.37 -12.00
N PRO A 13 16.38 -6.94 -10.83
CA PRO A 13 17.29 -7.79 -10.08
C PRO A 13 16.62 -9.09 -9.67
N GLU A 14 17.42 -10.13 -9.47
CA GLU A 14 16.88 -11.42 -9.10
C GLU A 14 16.28 -11.36 -7.69
N THR A 15 15.27 -12.18 -7.46
CA THR A 15 14.63 -12.30 -6.16
C THR A 15 14.79 -13.67 -5.55
N SER A 16 15.45 -14.59 -6.24
CA SER A 16 15.72 -15.93 -5.72
C SER A 16 16.90 -16.50 -6.48
N ASN A 17 17.64 -17.38 -5.82
CA ASN A 17 18.83 -17.96 -6.42
C ASN A 17 19.09 -19.34 -5.82
N PRO A 18 19.00 -20.40 -6.63
CA PRO A 18 19.22 -21.75 -6.08
C PRO A 18 20.64 -21.95 -5.56
N ASN A 19 21.62 -21.25 -6.11
CA ASN A 19 22.99 -21.38 -5.63
C ASN A 19 23.25 -20.62 -4.33
N LYS A 20 22.35 -19.70 -3.94
CA LYS A 20 22.63 -18.88 -2.76
C LYS A 20 21.97 -19.50 -1.52
N PRO A 21 22.71 -19.69 -0.43
CA PRO A 21 22.13 -20.33 0.75
C PRO A 21 21.06 -19.46 1.39
N LYS A 22 19.91 -20.08 1.68
CA LYS A 22 18.77 -19.42 2.27
C LYS A 22 18.81 -19.51 3.79
N ARG A 23 18.17 -18.55 4.45
CA ARG A 23 18.16 -18.52 5.91
C ARG A 23 17.04 -17.61 6.37
N GLN A 24 16.48 -17.93 7.54
CA GLN A 24 15.42 -17.15 8.17
C GLN A 24 15.78 -16.97 9.64
N THR A 25 16.04 -15.74 10.03
CA THR A 25 16.37 -15.40 11.41
C THR A 25 15.37 -14.38 11.94
N ASN A 26 15.37 -14.21 13.26
CA ASN A 26 14.47 -13.23 13.86
C ASN A 26 14.81 -11.82 13.41
N GLN A 27 16.08 -11.55 13.08
CA GLN A 27 16.45 -10.25 12.52
C GLN A 27 15.86 -10.07 11.13
N LEU A 28 16.00 -11.08 10.28
CA LEU A 28 15.39 -11.04 8.94
C LEU A 28 13.87 -10.99 9.02
N GLN A 29 13.28 -11.63 10.03
CA GLN A 29 11.84 -11.50 10.26
C GLN A 29 11.48 -10.08 10.65
N TYR A 30 12.34 -9.44 11.46
CA TYR A 30 12.08 -8.06 11.87
C TYR A 30 12.27 -7.09 10.71
N LEU A 31 13.23 -7.36 9.83
CA LEU A 31 13.43 -6.52 8.65
C LEU A 31 12.27 -6.62 7.68
N LEU A 32 11.46 -7.67 7.74
CA LEU A 32 10.31 -7.78 6.84
C LEU A 32 9.04 -7.26 7.50
N ARG A 33 8.78 -7.69 8.73
CA ARG A 33 7.54 -7.37 9.43
C ARG A 33 7.52 -5.96 10.01
N VAL A 34 8.68 -5.36 10.29
CA VAL A 34 8.71 -4.07 10.99
C VAL A 34 9.41 -3.00 10.16
N VAL A 35 10.65 -3.26 9.76
CA VAL A 35 11.42 -2.26 9.03
C VAL A 35 10.79 -1.99 7.67
N LEU A 36 10.72 -3.02 6.82
CA LEU A 36 10.25 -2.80 5.46
C LEU A 36 8.77 -2.41 5.43
N LYS A 37 7.96 -3.00 6.31
CA LYS A 37 6.54 -2.63 6.35
C LYS A 37 6.37 -1.14 6.65
N THR A 38 7.20 -0.59 7.55
CA THR A 38 7.07 0.82 7.90
C THR A 38 7.43 1.71 6.73
N LEU A 39 8.55 1.42 6.06
CA LEU A 39 8.94 2.20 4.89
C LEU A 39 7.94 2.02 3.76
N TRP A 40 7.38 0.82 3.58
CA TRP A 40 6.49 0.59 2.46
C TRP A 40 5.19 1.39 2.60
N LYS A 41 4.66 1.49 3.81
CA LYS A 41 3.40 2.20 4.03
C LYS A 41 3.57 3.72 4.05
N HIS A 42 4.80 4.21 3.94
CA HIS A 42 5.05 5.64 4.02
C HIS A 42 4.54 6.35 2.76
N GLN A 43 4.18 7.63 2.93
CA GLN A 43 3.65 8.39 1.80
C GLN A 43 4.72 8.66 0.74
N PHE A 44 5.99 8.72 1.13
CA PHE A 44 7.10 8.94 0.21
C PHE A 44 7.64 7.63 -0.39
N ALA A 45 6.89 6.53 -0.30
CA ALA A 45 7.41 5.23 -0.72
C ALA A 45 7.12 4.88 -2.17
N TRP A 46 6.13 5.51 -2.79
CA TRP A 46 5.69 5.06 -4.10
C TRP A 46 6.78 5.05 -5.19
N PRO A 47 7.74 5.98 -5.25
CA PRO A 47 8.77 5.85 -6.29
C PRO A 47 9.84 4.82 -5.99
N PHE A 48 9.83 4.23 -4.80
CA PHE A 48 10.82 3.25 -4.40
C PHE A 48 10.26 1.84 -4.30
N GLN A 49 8.99 1.62 -4.69
CA GLN A 49 8.39 0.31 -4.53
C GLN A 49 8.73 -0.63 -5.69
N GLN A 50 8.62 -0.15 -6.91
CA GLN A 50 9.01 -0.91 -8.08
C GLN A 50 10.40 -0.47 -8.54
N PRO A 51 11.06 -1.25 -9.40
CA PRO A 51 12.34 -0.79 -9.95
C PRO A 51 12.15 0.50 -10.76
N VAL A 52 13.19 1.34 -10.76
CA VAL A 52 13.14 2.64 -11.42
C VAL A 52 12.74 2.43 -12.89
N ASP A 53 11.61 3.00 -13.28
CA ASP A 53 11.12 2.88 -14.66
C ASP A 53 11.67 4.07 -15.45
N ALA A 54 12.87 3.89 -16.00
CA ALA A 54 13.51 4.94 -16.78
C ALA A 54 12.72 5.29 -18.04
N VAL A 55 11.92 4.35 -18.55
CA VAL A 55 11.14 4.61 -19.75
C VAL A 55 10.01 5.61 -19.45
N LYS A 56 9.21 5.31 -18.43
CA LYS A 56 8.09 6.19 -18.11
C LYS A 56 8.56 7.52 -17.55
N LEU A 57 9.72 7.55 -16.90
CA LEU A 57 10.25 8.81 -16.37
C LEU A 57 11.04 9.62 -17.40
N ASN A 58 11.17 9.10 -18.63
CA ASN A 58 11.94 9.75 -19.69
C ASN A 58 13.37 10.05 -19.25
N LEU A 59 14.02 9.04 -18.67
CA LEU A 59 15.39 9.11 -18.17
C LEU A 59 16.25 8.07 -18.89
N PRO A 60 16.67 8.34 -20.13
CA PRO A 60 17.49 7.36 -20.86
C PRO A 60 18.84 7.12 -20.22
N ASP A 61 19.33 8.03 -19.39
CA ASP A 61 20.65 7.95 -18.79
C ASP A 61 20.66 7.23 -17.45
N TYR A 62 19.50 6.95 -16.86
CA TYR A 62 19.48 6.36 -15.53
C TYR A 62 20.26 5.06 -15.47
N TYR A 63 19.93 4.12 -16.36
CA TYR A 63 20.66 2.85 -16.36
C TYR A 63 21.95 2.91 -17.15
N LYS A 64 22.29 4.06 -17.73
CA LYS A 64 23.67 4.29 -18.17
C LYS A 64 24.57 4.69 -17.01
N ILE A 65 24.00 5.10 -15.88
CA ILE A 65 24.78 5.53 -14.73
C ILE A 65 24.72 4.45 -13.66
N ILE A 66 23.51 4.08 -13.26
CA ILE A 66 23.29 3.09 -12.22
C ILE A 66 23.33 1.69 -12.84
N LYS A 67 24.30 0.88 -12.42
CA LYS A 67 24.44 -0.49 -12.91
C LYS A 67 23.99 -1.54 -11.90
N THR A 68 23.76 -1.17 -10.64
CA THR A 68 23.26 -2.10 -9.62
C THR A 68 21.98 -1.50 -9.03
N PRO A 69 20.88 -1.54 -9.76
CA PRO A 69 19.63 -0.97 -9.24
C PRO A 69 19.11 -1.76 -8.04
N MET A 70 18.22 -1.11 -7.30
CA MET A 70 17.56 -1.74 -6.15
C MET A 70 16.32 -0.93 -5.81
N ASP A 71 15.27 -1.65 -5.44
CA ASP A 71 14.02 -1.06 -4.99
C ASP A 71 13.48 -1.90 -3.84
N MET A 72 12.41 -1.40 -3.22
CA MET A 72 11.84 -2.11 -2.07
C MET A 72 11.04 -3.34 -2.51
N GLY A 73 10.51 -3.34 -3.72
CA GLY A 73 9.82 -4.53 -4.21
C GLY A 73 10.76 -5.71 -4.34
N THR A 74 11.97 -5.46 -4.84
CA THR A 74 12.99 -6.51 -4.88
C THR A 74 13.36 -6.97 -3.48
N ILE A 75 13.55 -6.02 -2.55
CA ILE A 75 13.88 -6.40 -1.18
C ILE A 75 12.74 -7.19 -0.55
N LYS A 76 11.49 -6.82 -0.88
CA LYS A 76 10.35 -7.50 -0.30
C LYS A 76 10.27 -8.94 -0.77
N LYS A 77 10.46 -9.18 -2.07
CA LYS A 77 10.43 -10.55 -2.59
C LYS A 77 11.58 -11.37 -2.03
N ARG A 78 12.78 -10.76 -1.92
CA ARG A 78 13.93 -11.50 -1.40
C ARG A 78 13.70 -11.93 0.04
N LEU A 79 13.10 -11.06 0.86
CA LEU A 79 12.84 -11.42 2.25
C LEU A 79 11.80 -12.53 2.34
N GLU A 80 10.77 -12.47 1.48
CA GLU A 80 9.74 -13.48 1.48
C GLU A 80 10.25 -14.82 0.93
N ASN A 81 11.30 -14.80 0.11
CA ASN A 81 11.89 -16.00 -0.43
C ASN A 81 13.11 -16.48 0.36
N ASN A 82 13.38 -15.84 1.50
CA ASN A 82 14.53 -16.20 2.36
C ASN A 82 15.84 -16.13 1.57
N TYR A 83 15.97 -15.08 0.76
CA TYR A 83 17.15 -14.90 -0.09
C TYR A 83 18.40 -14.57 0.71
N TYR A 84 18.25 -13.86 1.83
CA TYR A 84 19.41 -13.39 2.58
C TYR A 84 19.82 -14.40 3.64
N TRP A 85 21.14 -14.52 3.83
CA TRP A 85 21.67 -15.33 4.91
C TRP A 85 21.63 -14.60 6.26
N ASN A 86 21.84 -13.28 6.27
CA ASN A 86 21.81 -12.51 7.52
C ASN A 86 21.28 -11.10 7.26
N ALA A 87 21.16 -10.33 8.33
CA ALA A 87 20.56 -9.01 8.22
C ALA A 87 21.45 -8.04 7.44
N GLN A 88 22.77 -8.21 7.54
CA GLN A 88 23.69 -7.30 6.86
C GLN A 88 23.46 -7.28 5.34
N GLU A 89 23.24 -8.45 4.74
CA GLU A 89 23.01 -8.50 3.30
C GLU A 89 21.74 -7.76 2.93
N CYS A 90 20.69 -7.88 3.74
CA CYS A 90 19.47 -7.14 3.46
C CYS A 90 19.68 -5.65 3.64
N ILE A 91 20.31 -5.25 4.75
CA ILE A 91 20.62 -3.85 4.97
C ILE A 91 21.44 -3.29 3.81
N GLN A 92 22.38 -4.09 3.29
CA GLN A 92 23.22 -3.64 2.18
C GLN A 92 22.40 -3.32 0.93
N ASP A 93 21.29 -4.02 0.72
CA ASP A 93 20.43 -3.66 -0.41
C ASP A 93 19.69 -2.36 -0.14
N PHE A 94 19.30 -2.12 1.12
CA PHE A 94 18.71 -0.83 1.46
C PHE A 94 19.69 0.30 1.18
N ASN A 95 20.94 0.12 1.64
CA ASN A 95 21.96 1.13 1.38
C ASN A 95 22.17 1.35 -0.10
N THR A 96 22.12 0.28 -0.90
CA THR A 96 22.28 0.44 -2.33
C THR A 96 21.12 1.25 -2.91
N MET A 97 19.90 1.01 -2.41
CA MET A 97 18.74 1.73 -2.92
C MET A 97 18.85 3.22 -2.63
N PHE A 98 19.20 3.57 -1.39
CA PHE A 98 19.38 4.98 -1.03
C PHE A 98 20.57 5.59 -1.77
N THR A 99 21.73 4.92 -1.72
CA THR A 99 22.94 5.43 -2.36
C THR A 99 22.71 5.73 -3.85
N ASN A 100 22.07 4.81 -4.57
CA ASN A 100 21.78 5.05 -5.99
C ASN A 100 21.03 6.37 -6.17
N CYS A 101 20.04 6.62 -5.32
CA CYS A 101 19.22 7.82 -5.47
C CYS A 101 20.03 9.08 -5.20
N TYR A 102 20.93 9.03 -4.21
CA TYR A 102 21.77 10.17 -3.88
C TYR A 102 22.82 10.44 -4.95
N ILE A 103 23.32 9.39 -5.61
CA ILE A 103 24.35 9.56 -6.62
C ILE A 103 23.75 10.08 -7.91
N TYR A 104 22.54 9.62 -8.24
CA TYR A 104 21.96 9.98 -9.52
C TYR A 104 21.27 11.34 -9.51
N ASN A 105 20.73 11.77 -8.36
CA ASN A 105 19.95 12.99 -8.31
C ASN A 105 20.66 14.05 -7.48
N LYS A 106 20.22 15.30 -7.64
CA LYS A 106 20.87 16.41 -6.98
C LYS A 106 20.43 16.50 -5.52
N PRO A 107 21.32 16.93 -4.62
CA PRO A 107 20.88 17.25 -3.25
C PRO A 107 19.80 18.32 -3.27
N GLY A 108 18.67 18.01 -2.62
CA GLY A 108 17.56 18.93 -2.58
C GLY A 108 16.45 18.62 -3.55
N ASP A 109 16.64 17.64 -4.44
CA ASP A 109 15.55 17.23 -5.31
C ASP A 109 14.43 16.61 -4.48
N ASP A 110 13.23 16.59 -5.05
CA ASP A 110 12.12 15.94 -4.35
C ASP A 110 12.44 14.48 -4.07
N ILE A 111 12.98 13.78 -5.07
CA ILE A 111 13.24 12.36 -4.88
C ILE A 111 14.29 12.15 -3.79
N VAL A 112 15.22 13.09 -3.63
CA VAL A 112 16.26 12.93 -2.61
C VAL A 112 15.73 13.30 -1.23
N LEU A 113 14.93 14.36 -1.13
CA LEU A 113 14.26 14.66 0.13
C LEU A 113 13.39 13.49 0.57
N MET A 114 12.71 12.85 -0.39
CA MET A 114 11.88 11.69 -0.08
C MET A 114 12.73 10.50 0.37
N ALA A 115 13.86 10.27 -0.30
CA ALA A 115 14.74 9.17 0.10
C ALA A 115 15.39 9.45 1.45
N GLU A 116 15.72 10.71 1.73
CA GLU A 116 16.31 11.06 3.02
C GLU A 116 15.32 10.85 4.16
N ALA A 117 14.03 11.07 3.92
CA ALA A 117 13.05 10.83 4.98
C ALA A 117 12.89 9.35 5.23
N LEU A 118 12.83 8.53 4.18
CA LEU A 118 12.72 7.09 4.34
C LEU A 118 13.93 6.52 5.07
N GLU A 119 15.13 6.95 4.69
CA GLU A 119 16.34 6.43 5.31
C GLU A 119 16.39 6.76 6.81
N LYS A 120 15.94 7.95 7.18
CA LYS A 120 15.90 8.30 8.60
C LYS A 120 14.99 7.37 9.38
N LEU A 121 13.80 7.08 8.84
CA LEU A 121 12.94 6.10 9.50
C LEU A 121 13.58 4.72 9.47
N PHE A 122 14.26 4.40 8.37
CA PHE A 122 14.99 3.14 8.27
C PHE A 122 16.02 3.02 9.39
N LEU A 123 16.79 4.09 9.61
CA LEU A 123 17.78 4.07 10.68
C LEU A 123 17.11 3.99 12.06
N GLN A 124 15.88 4.51 12.19
CA GLN A 124 15.18 4.46 13.47
C GLN A 124 14.88 3.03 13.87
N LYS A 125 14.50 2.19 12.91
CA LYS A 125 14.14 0.80 13.20
C LYS A 125 15.38 -0.09 13.32
N ILE A 126 16.39 0.15 12.49
CA ILE A 126 17.64 -0.60 12.57
C ILE A 126 18.29 -0.45 13.95
N ASN A 127 18.12 0.71 14.58
CA ASN A 127 18.69 0.91 15.90
C ASN A 127 18.16 -0.09 16.92
N GLU A 128 16.94 -0.57 16.72
CA GLU A 128 16.32 -1.54 17.63
C GLU A 128 16.13 -2.89 16.96
N LEU A 129 17.05 -3.27 16.08
CA LEU A 129 17.03 -4.60 15.50
C LEU A 129 17.24 -5.64 16.61
N PRO A 130 16.40 -6.65 16.70
CA PRO A 130 16.49 -7.59 17.83
C PRO A 130 17.78 -8.37 17.80
N THR A 131 18.14 -8.88 18.98
CA THR A 131 19.29 -9.77 19.09
C THR A 131 18.99 -11.09 18.40
N GLU A 132 19.91 -11.54 17.55
CA GLU A 132 19.74 -12.81 16.87
C GLU A 132 19.63 -13.94 17.89
N GLU A 133 18.54 -14.69 17.83
CA GLU A 133 18.31 -15.79 18.76
C GLU A 133 18.70 -17.13 18.16
N THR B 25 -1.62 -14.81 1.62
CA THR B 25 -1.87 -15.36 0.28
C THR B 25 -3.29 -15.88 0.17
N ASN B 26 -3.56 -17.01 0.83
CA ASN B 26 -4.89 -17.59 0.80
C ASN B 26 -5.93 -16.66 1.45
N GLN B 27 -5.52 -15.88 2.45
CA GLN B 27 -6.44 -14.95 3.08
C GLN B 27 -6.54 -13.63 2.32
N LEU B 28 -5.47 -13.21 1.65
CA LEU B 28 -5.51 -11.97 0.87
C LEU B 28 -6.23 -12.17 -0.46
N GLN B 29 -6.09 -13.35 -1.07
CA GLN B 29 -6.83 -13.63 -2.29
C GLN B 29 -8.32 -13.84 -2.02
N TYR B 30 -8.66 -14.34 -0.83
CA TYR B 30 -10.06 -14.50 -0.45
C TYR B 30 -10.74 -13.14 -0.25
N LEU B 31 -10.01 -12.16 0.26
CA LEU B 31 -10.58 -10.82 0.44
C LEU B 31 -10.70 -10.07 -0.88
N LEU B 32 -10.00 -10.51 -1.92
CA LEU B 32 -10.05 -9.83 -3.21
C LEU B 32 -11.11 -10.42 -4.14
N ARG B 33 -11.17 -11.75 -4.22
CA ARG B 33 -12.06 -12.42 -5.16
C ARG B 33 -13.38 -12.87 -4.53
N VAL B 34 -13.54 -12.73 -3.22
CA VAL B 34 -14.79 -13.11 -2.57
C VAL B 34 -15.38 -11.92 -1.82
N VAL B 35 -14.60 -11.34 -0.89
CA VAL B 35 -15.13 -10.29 -0.02
C VAL B 35 -15.34 -9.01 -0.81
N LEU B 36 -14.31 -8.53 -1.49
CA LEU B 36 -14.41 -7.28 -2.23
C LEU B 36 -15.37 -7.40 -3.41
N LYS B 37 -15.40 -8.56 -4.06
CA LYS B 37 -16.28 -8.74 -5.21
C LYS B 37 -17.74 -8.89 -4.80
N THR B 38 -18.00 -9.42 -3.60
CA THR B 38 -19.37 -9.52 -3.11
C THR B 38 -19.92 -8.14 -2.76
N LEU B 39 -19.15 -7.36 -2.00
CA LEU B 39 -19.61 -6.03 -1.61
C LEU B 39 -19.71 -5.11 -2.82
N TRP B 40 -18.86 -5.31 -3.83
CA TRP B 40 -18.90 -4.45 -5.02
C TRP B 40 -20.22 -4.62 -5.77
N LYS B 41 -20.74 -5.85 -5.82
CA LYS B 41 -22.00 -6.12 -6.50
C LYS B 41 -23.22 -5.78 -5.67
N HIS B 42 -23.04 -5.32 -4.42
CA HIS B 42 -24.16 -5.06 -3.55
C HIS B 42 -24.93 -3.83 -4.03
N GLN B 43 -26.22 -3.79 -3.67
CA GLN B 43 -27.11 -2.76 -4.20
C GLN B 43 -26.68 -1.37 -3.74
N PHE B 44 -26.18 -1.26 -2.51
CA PHE B 44 -25.84 0.03 -1.91
C PHE B 44 -24.34 0.32 -1.98
N ALA B 45 -23.66 -0.16 -3.02
CA ALA B 45 -22.21 -0.05 -3.09
C ALA B 45 -21.72 1.17 -3.87
N TRP B 46 -22.58 1.81 -4.67
CA TRP B 46 -22.09 2.84 -5.57
C TRP B 46 -21.48 4.07 -4.89
N PRO B 47 -21.89 4.51 -3.70
CA PRO B 47 -21.19 5.63 -3.06
C PRO B 47 -19.79 5.29 -2.59
N PHE B 48 -19.44 4.01 -2.48
CA PHE B 48 -18.21 3.58 -1.84
C PHE B 48 -17.22 2.96 -2.82
N GLN B 49 -17.53 2.92 -4.11
CA GLN B 49 -16.66 2.27 -5.08
C GLN B 49 -15.51 3.14 -5.54
N GLN B 50 -15.49 4.41 -5.15
CA GLN B 50 -14.48 5.36 -5.61
C GLN B 50 -14.26 6.38 -4.52
N PRO B 51 -13.10 7.05 -4.51
CA PRO B 51 -12.88 8.09 -3.50
C PRO B 51 -13.91 9.20 -3.64
N VAL B 52 -14.26 9.81 -2.50
CA VAL B 52 -15.27 10.85 -2.47
C VAL B 52 -14.75 12.08 -3.21
N ASP B 53 -15.40 12.44 -4.31
CA ASP B 53 -15.07 13.64 -5.06
C ASP B 53 -15.86 14.78 -4.43
N ALA B 54 -15.22 15.48 -3.48
CA ALA B 54 -15.93 16.51 -2.72
C ALA B 54 -16.25 17.73 -3.56
N VAL B 55 -15.46 17.99 -4.61
CA VAL B 55 -15.76 19.12 -5.50
C VAL B 55 -16.98 18.81 -6.35
N LYS B 56 -17.05 17.61 -6.92
CA LYS B 56 -18.19 17.24 -7.76
C LYS B 56 -19.45 17.08 -6.94
N LEU B 57 -19.37 16.36 -5.83
CA LEU B 57 -20.52 16.10 -4.97
C LEU B 57 -20.92 17.32 -4.13
N ASN B 58 -20.19 18.43 -4.24
CA ASN B 58 -20.50 19.66 -3.51
C ASN B 58 -20.53 19.40 -2.00
N LEU B 59 -19.39 18.96 -1.48
CA LEU B 59 -19.19 18.69 -0.06
C LEU B 59 -17.89 19.39 0.35
N PRO B 60 -17.92 20.72 0.48
CA PRO B 60 -16.67 21.46 0.75
C PRO B 60 -16.01 21.10 2.07
N ASP B 61 -16.76 20.56 3.04
CA ASP B 61 -16.21 20.25 4.35
C ASP B 61 -15.90 18.76 4.53
N TYR B 62 -15.93 17.97 3.46
CA TYR B 62 -15.71 16.54 3.62
C TYR B 62 -14.27 16.23 4.04
N TYR B 63 -13.30 16.69 3.26
CA TYR B 63 -11.90 16.42 3.58
C TYR B 63 -11.35 17.32 4.68
N LYS B 64 -12.13 18.31 5.15
CA LYS B 64 -11.77 18.97 6.40
C LYS B 64 -12.08 18.08 7.60
N ILE B 65 -13.03 17.17 7.43
CA ILE B 65 -13.45 16.26 8.49
C ILE B 65 -12.81 14.89 8.34
N ILE B 66 -12.75 14.37 7.12
CA ILE B 66 -12.21 13.04 6.88
C ILE B 66 -10.73 13.20 6.52
N LYS B 67 -9.87 12.80 7.44
CA LYS B 67 -8.43 12.90 7.25
C LYS B 67 -7.79 11.61 6.76
N THR B 68 -8.56 10.53 6.66
CA THR B 68 -8.06 9.24 6.17
C THR B 68 -9.10 8.67 5.22
N PRO B 69 -9.14 9.16 3.98
CA PRO B 69 -10.14 8.66 3.03
C PRO B 69 -9.86 7.23 2.61
N MET B 70 -10.93 6.48 2.38
CA MET B 70 -10.81 5.10 1.93
C MET B 70 -12.09 4.69 1.20
N ASP B 71 -11.92 3.87 0.18
CA ASP B 71 -13.04 3.41 -0.64
C ASP B 71 -12.73 2.03 -1.19
N MET B 72 -13.76 1.40 -1.77
CA MET B 72 -13.59 0.05 -2.32
C MET B 72 -12.69 0.06 -3.55
N GLY B 73 -12.64 1.17 -4.29
CA GLY B 73 -11.75 1.24 -5.43
C GLY B 73 -10.30 1.13 -5.03
N THR B 74 -9.88 1.90 -4.03
CA THR B 74 -8.50 1.84 -3.57
C THR B 74 -8.19 0.53 -2.84
N ILE B 75 -9.16 -0.02 -2.10
CA ILE B 75 -8.94 -1.31 -1.45
C ILE B 75 -8.74 -2.40 -2.50
N LYS B 76 -9.51 -2.35 -3.58
CA LYS B 76 -9.31 -3.27 -4.70
C LYS B 76 -7.90 -3.15 -5.25
N LYS B 77 -7.45 -1.91 -5.49
CA LYS B 77 -6.12 -1.68 -6.05
C LYS B 77 -5.00 -2.08 -5.09
N ARG B 78 -5.26 -2.10 -3.79
CA ARG B 78 -4.25 -2.53 -2.83
C ARG B 78 -4.17 -4.05 -2.73
N LEU B 79 -5.29 -4.75 -2.93
CA LEU B 79 -5.26 -6.21 -2.88
C LEU B 79 -4.61 -6.79 -4.13
N GLU B 80 -4.94 -6.26 -5.31
CA GLU B 80 -4.40 -6.79 -6.56
C GLU B 80 -3.04 -6.19 -6.90
N ASN B 81 -2.41 -5.44 -5.98
CA ASN B 81 -1.09 -4.90 -6.20
C ASN B 81 -0.12 -5.24 -5.06
N ASN B 82 -0.52 -6.14 -4.16
CA ASN B 82 0.31 -6.59 -3.04
C ASN B 82 0.78 -5.41 -2.19
N TYR B 83 -0.19 -4.80 -1.52
CA TYR B 83 0.06 -3.71 -0.60
C TYR B 83 -0.09 -4.11 0.86
N TYR B 84 -0.95 -5.07 1.17
CA TYR B 84 -1.17 -5.52 2.53
C TYR B 84 -0.16 -6.59 2.93
N TRP B 85 0.11 -6.67 4.23
CA TRP B 85 0.98 -7.70 4.78
C TRP B 85 0.19 -8.92 5.26
N ASN B 86 -1.05 -8.71 5.70
CA ASN B 86 -1.91 -9.81 6.13
C ASN B 86 -3.36 -9.36 5.95
N ALA B 87 -4.28 -10.27 6.27
CA ALA B 87 -5.70 -9.98 6.16
C ALA B 87 -6.17 -8.93 7.16
N GLN B 88 -5.46 -8.77 8.27
CA GLN B 88 -5.88 -7.79 9.28
C GLN B 88 -5.74 -6.37 8.77
N GLU B 89 -4.72 -6.08 7.98
CA GLU B 89 -4.55 -4.73 7.44
C GLU B 89 -5.65 -4.39 6.44
N CYS B 90 -6.11 -5.37 5.67
CA CYS B 90 -7.21 -5.13 4.74
C CYS B 90 -8.52 -4.86 5.47
N ILE B 91 -8.73 -5.53 6.61
CA ILE B 91 -9.92 -5.27 7.41
C ILE B 91 -9.91 -3.84 7.94
N GLN B 92 -8.72 -3.30 8.23
CA GLN B 92 -8.64 -1.93 8.73
C GLN B 92 -9.16 -0.95 7.68
N ASP B 93 -8.73 -1.09 6.42
CA ASP B 93 -9.19 -0.17 5.39
C ASP B 93 -10.70 -0.26 5.19
N PHE B 94 -11.26 -1.47 5.31
CA PHE B 94 -12.71 -1.61 5.25
C PHE B 94 -13.39 -0.89 6.41
N ASN B 95 -12.83 -1.03 7.61
CA ASN B 95 -13.38 -0.30 8.76
C ASN B 95 -13.17 1.20 8.62
N THR B 96 -12.04 1.61 8.03
CA THR B 96 -11.81 3.04 7.80
C THR B 96 -12.84 3.62 6.86
N MET B 97 -13.20 2.88 5.81
CA MET B 97 -14.22 3.35 4.88
C MET B 97 -15.58 3.46 5.58
N PHE B 98 -15.95 2.42 6.33
CA PHE B 98 -17.20 2.47 7.07
C PHE B 98 -17.18 3.59 8.11
N THR B 99 -16.04 3.78 8.78
CA THR B 99 -15.96 4.83 9.79
C THR B 99 -16.10 6.21 9.18
N ASN B 100 -15.40 6.45 8.06
CA ASN B 100 -15.46 7.77 7.44
C ASN B 100 -16.87 8.12 7.00
N CYS B 101 -17.72 7.12 6.78
CA CYS B 101 -19.11 7.39 6.47
C CYS B 101 -19.91 7.64 7.75
N TYR B 102 -19.63 6.87 8.81
CA TYR B 102 -20.31 7.09 10.08
C TYR B 102 -19.84 8.35 10.78
N ILE B 103 -18.67 8.88 10.41
CA ILE B 103 -18.17 10.12 10.99
C ILE B 103 -18.83 11.34 10.35
N TYR B 104 -18.93 11.34 9.02
CA TYR B 104 -19.33 12.54 8.28
C TYR B 104 -20.83 12.70 8.17
N ASN B 105 -21.59 11.60 8.27
CA ASN B 105 -23.03 11.65 8.08
C ASN B 105 -23.75 11.30 9.37
N LYS B 106 -24.93 11.89 9.54
CA LYS B 106 -25.69 11.70 10.76
C LYS B 106 -26.17 10.26 10.88
N PRO B 107 -26.21 9.70 12.10
CA PRO B 107 -26.80 8.37 12.28
C PRO B 107 -28.24 8.34 11.75
N GLY B 108 -28.58 7.24 11.10
CA GLY B 108 -29.88 7.11 10.49
C GLY B 108 -30.03 7.74 9.13
N ASP B 109 -29.03 8.49 8.66
CA ASP B 109 -29.06 8.99 7.30
C ASP B 109 -29.14 7.85 6.30
N ASP B 110 -29.70 8.15 5.13
CA ASP B 110 -29.85 7.11 4.11
C ASP B 110 -28.49 6.51 3.75
N ILE B 111 -27.49 7.37 3.52
CA ILE B 111 -26.15 6.91 3.19
C ILE B 111 -25.53 6.11 4.33
N VAL B 112 -25.82 6.48 5.58
CA VAL B 112 -25.33 5.70 6.72
C VAL B 112 -25.96 4.31 6.75
N LEU B 113 -27.27 4.23 6.55
CA LEU B 113 -27.95 2.93 6.47
C LEU B 113 -27.38 2.07 5.35
N MET B 114 -27.05 2.69 4.21
CA MET B 114 -26.44 1.93 3.12
C MET B 114 -25.08 1.38 3.53
N ALA B 115 -24.33 2.13 4.33
CA ALA B 115 -23.02 1.66 4.77
C ALA B 115 -23.13 0.58 5.81
N GLU B 116 -24.21 0.60 6.61
CA GLU B 116 -24.41 -0.45 7.60
C GLU B 116 -24.83 -1.77 6.94
N ALA B 117 -25.53 -1.70 5.80
CA ALA B 117 -25.84 -2.92 5.06
C ALA B 117 -24.59 -3.56 4.48
N LEU B 118 -23.66 -2.74 3.97
CA LEU B 118 -22.41 -3.30 3.46
C LEU B 118 -21.58 -3.90 4.58
N GLU B 119 -21.55 -3.25 5.74
CA GLU B 119 -20.70 -3.74 6.83
C GLU B 119 -21.22 -5.05 7.38
N LYS B 120 -22.54 -5.21 7.45
CA LYS B 120 -23.13 -6.47 7.90
C LYS B 120 -22.78 -7.62 6.95
N LEU B 121 -22.83 -7.37 5.65
CA LEU B 121 -22.37 -8.38 4.70
C LEU B 121 -20.86 -8.57 4.78
N PHE B 122 -20.14 -7.54 5.20
CA PHE B 122 -18.69 -7.66 5.35
C PHE B 122 -18.34 -8.50 6.57
N LEU B 123 -19.00 -8.25 7.70
CA LEU B 123 -18.73 -9.03 8.90
C LEU B 123 -19.17 -10.49 8.76
N GLN B 124 -20.12 -10.76 7.86
CA GLN B 124 -20.53 -12.14 7.61
C GLN B 124 -19.52 -12.88 6.74
N LYS B 125 -18.82 -12.17 5.86
CA LYS B 125 -17.80 -12.81 5.02
C LYS B 125 -16.48 -12.97 5.77
N ILE B 126 -16.15 -12.01 6.63
CA ILE B 126 -14.92 -12.11 7.41
C ILE B 126 -15.06 -13.18 8.49
N ASN B 127 -16.27 -13.41 8.99
CA ASN B 127 -16.51 -14.46 9.98
C ASN B 127 -16.23 -15.84 9.40
N GLU B 128 -16.31 -16.00 8.08
CA GLU B 128 -15.93 -17.24 7.43
C GLU B 128 -14.62 -17.04 6.65
N LEU B 129 -13.61 -16.50 7.33
CA LEU B 129 -12.31 -16.24 6.72
C LEU B 129 -11.63 -17.52 6.27
N TRP C 2 -38.08 14.17 -5.29
CA TRP C 2 -36.82 13.73 -5.89
C TRP C 2 -35.73 13.62 -4.84
N LYS C 3 -34.92 12.57 -4.95
CA LYS C 3 -33.85 12.30 -4.01
C LYS C 3 -32.54 12.06 -4.74
N THR C 4 -31.46 12.58 -4.18
CA THR C 4 -30.13 12.38 -4.73
C THR C 4 -29.23 11.76 -3.68
N ILE C 5 -28.56 10.68 -4.03
CA ILE C 5 -27.54 10.06 -3.19
C ILE C 5 -26.31 9.80 -4.06
N ALA C 6 -25.20 10.45 -3.74
CA ALA C 6 -23.91 10.20 -4.38
C ALA C 6 -24.00 10.29 -5.91
N GLY C 7 -24.74 11.27 -6.40
CA GLY C 7 -24.84 11.49 -7.83
C GLY C 7 -26.05 10.86 -8.49
N THR C 9 -29.90 9.95 -8.87
CA THR C 9 -31.15 10.64 -8.56
C THR C 9 -32.36 9.85 -9.05
N TRP C 10 -33.40 9.80 -8.23
CA TRP C 10 -34.60 9.07 -8.58
C TRP C 10 -35.82 9.78 -7.99
N ARG C 11 -36.99 9.33 -8.41
CA ARG C 11 -38.25 9.87 -7.93
C ARG C 11 -38.67 9.14 -6.66
N THR C 12 -39.05 9.90 -5.63
CA THR C 12 -39.56 9.31 -4.40
C THR C 12 -41.08 9.14 -4.50
N GLN C 14 -43.19 10.60 -2.86
CA GLN C 14 -43.79 11.91 -2.64
C GLN C 14 -44.08 12.61 -3.96
N CYS C 15 -43.25 12.37 -4.96
CA CYS C 15 -43.46 12.92 -6.30
C CYS C 15 -43.98 11.86 -7.25
#